data_2QGM
#
_entry.id   2QGM
#
_cell.length_a   64.746
_cell.length_b   76.964
_cell.length_c   87.199
_cell.angle_alpha   90.00
_cell.angle_beta   90.00
_cell.angle_gamma   90.00
#
_symmetry.space_group_name_H-M   'P 21 21 21'
#
loop_
_entity.id
_entity.type
_entity.pdbx_description
1 polymer 'Succinoglycan biosynthesis protein'
2 water water
#
_entity_poly.entity_id   1
_entity_poly.type   'polypeptide(L)'
_entity_poly.pdbx_seq_one_letter_code
;(MSE)NKKR(MSE)IA(MSE)VSTALLVTGCAEVGNAQTVAVENSGQSVQKNIVKSIQSQANPLKTIEPSKPFEDLKPLK
K(MSE)IGNAQYVGLGENTHGSSEIFT(MSE)KFRLVKYLVTE(MSE)GFTNFA(MSE)EEDWGNGLKLNEYIQTGKGNP
REFLKLLYPTDEIIA(MSE)IEW(MSE)KDYNADPSNKKKIQFIGLDLKALDQGSFNKVIDYVRLHRPDLLAEVEENYKE
LSSFTGSIQEY(MSE)KLTPKLKEKFKANAERVARLLKDENEQANTEIIPSEYIWAKATASAIEKFTT(MSE)LLPNDYP
SIIKLHEQYLADHA(MSE)WAQETFGGKT(MSE)VWAHNIHIAKGIIDEKLYPYVAGQFLKERLDNNYVTIGSTTTEGNF
TLYSEYNPSTGGKITTDTIPQDVKSFNYTLGKVPYK(MSE)FLLDNRHLKGQAEKWVKAKRPLLSIGGQILPNSSVYFDT
SLLEQFDIIFHIRKTSPSHIK
;
_entity_poly.pdbx_strand_id   A
#
# COMPACT_ATOMS: atom_id res chain seq x y z
N SER A 33 0.67 20.41 -26.11
CA SER A 33 0.90 21.69 -26.85
C SER A 33 2.11 21.58 -27.80
N GLY A 34 2.86 20.49 -27.68
CA GLY A 34 4.03 20.30 -28.51
C GLY A 34 3.79 20.25 -30.01
N GLN A 35 4.67 19.56 -30.72
CA GLN A 35 4.59 19.42 -32.18
C GLN A 35 3.67 18.29 -32.65
N SER A 36 2.58 18.66 -33.32
CA SER A 36 1.61 17.69 -33.84
C SER A 36 1.36 16.55 -32.84
N VAL A 37 1.43 16.91 -31.56
CA VAL A 37 1.23 16.02 -30.42
C VAL A 37 0.69 14.60 -30.63
N GLN A 38 -0.44 14.33 -29.98
CA GLN A 38 -1.13 13.05 -29.97
C GLN A 38 -0.61 11.86 -30.78
N LYS A 39 -0.81 11.89 -32.09
CA LYS A 39 -0.38 10.80 -32.95
C LYS A 39 1.09 10.42 -32.73
N ASN A 40 1.98 11.40 -32.81
CA ASN A 40 3.41 11.16 -32.63
C ASN A 40 3.79 10.72 -31.22
N ILE A 41 3.20 11.34 -30.20
CA ILE A 41 3.54 10.96 -28.83
C ILE A 41 3.02 9.56 -28.51
N VAL A 42 1.86 9.20 -29.07
CA VAL A 42 1.32 7.87 -28.84
C VAL A 42 2.24 6.85 -29.50
N LYS A 43 2.87 7.26 -30.60
CA LYS A 43 3.77 6.37 -31.33
C LYS A 43 5.06 6.15 -30.54
N SER A 44 5.52 7.20 -29.87
CA SER A 44 6.75 7.15 -29.09
C SER A 44 6.59 6.25 -27.85
N ILE A 45 5.43 6.31 -27.22
CA ILE A 45 5.16 5.50 -26.04
C ILE A 45 5.02 4.04 -26.46
N GLN A 46 4.23 3.82 -27.51
CA GLN A 46 4.01 2.47 -28.04
C GLN A 46 5.33 1.77 -28.34
N SER A 47 6.25 2.48 -28.98
CA SER A 47 7.54 1.94 -29.35
C SER A 47 8.44 1.61 -28.15
N GLN A 48 8.23 2.31 -27.05
CA GLN A 48 9.05 2.09 -25.86
C GLN A 48 8.36 1.29 -24.76
N ALA A 49 7.10 0.93 -24.98
CA ALA A 49 6.35 0.16 -23.99
C ALA A 49 6.59 -1.35 -24.15
N ASN A 50 6.37 -2.10 -23.07
CA ASN A 50 6.51 -3.55 -23.09
C ASN A 50 5.12 -4.08 -22.79
N PRO A 51 4.43 -4.61 -23.81
CA PRO A 51 3.07 -5.12 -23.61
C PRO A 51 2.94 -6.34 -22.71
N LEU A 52 1.82 -6.38 -21.98
CA LEU A 52 1.51 -7.49 -21.10
C LEU A 52 0.46 -8.33 -21.81
N LYS A 53 0.58 -9.64 -21.68
CA LYS A 53 -0.32 -10.55 -22.36
C LYS A 53 -1.56 -10.97 -21.58
N THR A 54 -1.47 -10.98 -20.25
CA THR A 54 -2.59 -11.42 -19.43
C THR A 54 -2.45 -10.84 -18.03
N ILE A 55 -3.48 -11.02 -17.22
CA ILE A 55 -3.48 -10.57 -15.83
C ILE A 55 -3.47 -11.81 -14.93
N GLU A 56 -3.67 -12.98 -15.55
CA GLU A 56 -3.74 -14.24 -14.82
C GLU A 56 -2.45 -14.63 -14.12
N PRO A 57 -2.47 -14.71 -12.78
CA PRO A 57 -1.27 -15.07 -12.03
C PRO A 57 -0.71 -16.49 -12.34
N SER A 58 -1.58 -17.40 -12.76
CA SER A 58 -1.17 -18.76 -13.06
C SER A 58 -0.42 -18.95 -14.37
N LYS A 59 -0.51 -17.97 -15.27
CA LYS A 59 0.16 -18.06 -16.56
C LYS A 59 1.65 -17.76 -16.50
N PRO A 60 2.42 -18.27 -17.49
CA PRO A 60 3.87 -18.07 -17.57
C PRO A 60 4.22 -16.60 -17.43
N PHE A 61 5.42 -16.30 -16.94
CA PHE A 61 5.85 -14.92 -16.71
C PHE A 61 6.79 -14.34 -17.77
N GLU A 62 6.74 -14.88 -18.99
CA GLU A 62 7.63 -14.38 -20.04
C GLU A 62 7.48 -12.89 -20.31
N ASP A 63 6.25 -12.37 -20.25
CA ASP A 63 6.04 -10.96 -20.53
C ASP A 63 6.46 -10.03 -19.40
N LEU A 64 6.91 -10.60 -18.28
CA LEU A 64 7.36 -9.80 -17.16
C LEU A 64 8.88 -9.72 -17.06
N LYS A 65 9.57 -10.35 -18.02
CA LYS A 65 11.03 -10.30 -18.02
C LYS A 65 11.53 -8.86 -18.11
N PRO A 66 10.85 -7.99 -18.87
CA PRO A 66 11.34 -6.61 -18.94
C PRO A 66 11.27 -5.95 -17.56
N LEU A 67 10.35 -6.44 -16.73
CA LEU A 67 10.17 -5.88 -15.39
C LEU A 67 11.35 -6.16 -14.46
N LYS A 68 11.95 -7.34 -14.60
CA LYS A 68 13.09 -7.71 -13.76
C LYS A 68 14.25 -6.77 -14.06
N LYS A 69 14.39 -6.41 -15.33
CA LYS A 69 15.45 -5.53 -15.78
C LYS A 69 15.21 -4.10 -15.29
N ILE A 71 13.43 -3.21 -12.45
CA ILE A 71 13.59 -3.18 -11.00
C ILE A 71 15.04 -3.29 -10.57
N GLY A 72 15.80 -4.12 -11.28
CA GLY A 72 17.19 -4.29 -10.93
C GLY A 72 17.32 -4.92 -9.56
N ASN A 73 18.24 -4.41 -8.76
CA ASN A 73 18.46 -4.95 -7.43
C ASN A 73 17.82 -4.13 -6.32
N ALA A 74 16.82 -3.33 -6.66
CA ALA A 74 16.13 -2.53 -5.66
C ALA A 74 15.51 -3.45 -4.61
N GLN A 75 15.65 -3.09 -3.33
CA GLN A 75 15.10 -3.90 -2.25
C GLN A 75 13.66 -3.52 -1.85
N TYR A 76 13.19 -2.36 -2.32
CA TYR A 76 11.83 -1.93 -2.01
C TYR A 76 11.06 -1.59 -3.29
N VAL A 77 9.88 -2.18 -3.45
CA VAL A 77 9.07 -1.89 -4.63
C VAL A 77 7.66 -1.45 -4.21
N GLY A 78 7.25 -0.27 -4.66
CA GLY A 78 5.92 0.21 -4.34
C GLY A 78 5.00 -0.19 -5.48
N LEU A 79 3.87 -0.81 -5.15
CA LEU A 79 2.91 -1.27 -6.16
C LEU A 79 1.57 -0.57 -5.95
N GLY A 80 1.31 0.45 -6.76
CA GLY A 80 0.07 1.20 -6.61
C GLY A 80 -1.14 0.65 -7.35
N GLU A 81 -2.27 1.33 -7.14
CA GLU A 81 -3.53 1.01 -7.78
C GLU A 81 -4.26 2.32 -8.05
N ASN A 82 -4.74 2.48 -9.28
CA ASN A 82 -5.41 3.70 -9.69
C ASN A 82 -6.70 3.97 -8.91
N THR A 83 -7.38 2.91 -8.52
CA THR A 83 -8.60 3.03 -7.73
C THR A 83 -8.52 1.93 -6.69
N HIS A 84 -9.50 1.89 -5.80
CA HIS A 84 -9.59 0.86 -4.77
C HIS A 84 -10.71 -0.11 -5.14
N GLY A 85 -11.06 -0.17 -6.42
CA GLY A 85 -12.14 -1.06 -6.82
C GLY A 85 -12.13 -1.57 -8.26
N SER A 86 -10.95 -1.72 -8.84
CA SER A 86 -10.83 -2.22 -10.22
C SER A 86 -10.38 -3.67 -10.19
N SER A 87 -11.24 -4.58 -10.67
CA SER A 87 -10.92 -6.00 -10.67
C SER A 87 -9.57 -6.35 -11.28
N GLU A 88 -9.38 -5.98 -12.54
CA GLU A 88 -8.13 -6.28 -13.26
C GLU A 88 -6.89 -5.67 -12.62
N ILE A 89 -7.04 -4.54 -11.93
CA ILE A 89 -5.87 -3.96 -11.28
C ILE A 89 -5.47 -4.84 -10.09
N PHE A 90 -6.42 -5.24 -9.26
CA PHE A 90 -6.10 -6.11 -8.14
C PHE A 90 -5.49 -7.43 -8.61
N THR A 91 -6.09 -8.04 -9.63
CA THR A 91 -5.59 -9.31 -10.15
C THR A 91 -4.21 -9.16 -10.79
N LYS A 93 -2.02 -6.98 -10.00
CA LYS A 93 -1.08 -6.76 -8.92
C LYS A 93 -0.70 -8.08 -8.27
N PHE A 94 -1.67 -8.99 -8.20
CA PHE A 94 -1.43 -10.32 -7.64
C PHE A 94 -0.41 -11.02 -8.57
N ARG A 95 -0.61 -10.90 -9.88
CA ARG A 95 0.33 -11.52 -10.82
C ARG A 95 1.73 -10.94 -10.57
N LEU A 96 1.81 -9.61 -10.44
CA LEU A 96 3.08 -8.94 -10.20
C LEU A 96 3.73 -9.42 -8.90
N VAL A 97 2.94 -9.52 -7.83
CA VAL A 97 3.44 -9.99 -6.54
C VAL A 97 4.00 -11.40 -6.71
N LYS A 98 3.24 -12.27 -7.35
CA LYS A 98 3.69 -13.64 -7.55
C LYS A 98 5.03 -13.68 -8.30
N TYR A 99 5.18 -12.83 -9.30
CA TYR A 99 6.43 -12.79 -10.06
C TYR A 99 7.59 -12.31 -9.18
N LEU A 100 7.37 -11.24 -8.41
CA LEU A 100 8.41 -10.73 -7.53
C LEU A 100 8.85 -11.76 -6.49
N VAL A 101 7.89 -12.50 -5.95
CA VAL A 101 8.21 -13.51 -4.94
C VAL A 101 8.95 -14.71 -5.53
N THR A 102 8.39 -15.27 -6.59
CA THR A 102 8.96 -16.46 -7.22
C THR A 102 10.20 -16.26 -8.11
N GLU A 103 10.33 -15.11 -8.75
CA GLU A 103 11.45 -14.85 -9.65
C GLU A 103 12.47 -13.80 -9.20
N GLY A 105 12.97 -12.92 -5.59
CA GLY A 105 13.27 -12.98 -4.17
C GLY A 105 12.62 -11.98 -3.24
N PHE A 106 11.40 -11.54 -3.55
CA PHE A 106 10.72 -10.62 -2.65
C PHE A 106 10.04 -11.48 -1.59
N THR A 107 10.11 -11.04 -0.33
CA THR A 107 9.59 -11.83 0.77
C THR A 107 8.66 -11.13 1.76
N ASN A 108 8.78 -9.81 1.86
CA ASN A 108 7.94 -9.06 2.78
C ASN A 108 6.81 -8.39 2.04
N PHE A 109 5.58 -8.71 2.41
CA PHE A 109 4.43 -8.09 1.76
C PHE A 109 3.80 -7.11 2.76
N ALA A 110 4.07 -5.82 2.56
CA ALA A 110 3.56 -4.76 3.42
C ALA A 110 2.36 -4.10 2.75
N GLU A 112 -1.38 -1.75 2.78
CA GLU A 112 -2.07 -0.60 3.36
C GLU A 112 -3.32 -1.21 3.99
N GLU A 113 -3.12 -1.79 5.18
CA GLU A 113 -4.17 -2.43 5.96
C GLU A 113 -3.68 -2.26 7.39
N ASP A 114 -4.62 -2.18 8.34
CA ASP A 114 -4.24 -1.97 9.73
C ASP A 114 -3.33 -3.03 10.33
N TRP A 115 -2.40 -2.56 11.17
CA TRP A 115 -1.43 -3.41 11.85
C TRP A 115 -2.06 -4.68 12.40
N GLY A 116 -3.12 -4.52 13.19
CA GLY A 116 -3.80 -5.66 13.79
C GLY A 116 -4.32 -6.69 12.78
N ASN A 117 -4.90 -6.20 11.69
CA ASN A 117 -5.41 -7.08 10.64
C ASN A 117 -4.22 -7.80 10.02
N GLY A 118 -3.10 -7.09 9.96
CA GLY A 118 -1.90 -7.67 9.40
C GLY A 118 -1.44 -8.88 10.19
N LEU A 119 -1.48 -8.78 11.52
CA LEU A 119 -1.08 -9.86 12.42
C LEU A 119 -1.91 -11.11 12.13
N LYS A 120 -3.21 -10.93 11.91
CA LYS A 120 -4.11 -12.04 11.64
C LYS A 120 -3.89 -12.61 10.24
N LEU A 121 -3.63 -11.72 9.28
CA LEU A 121 -3.40 -12.19 7.91
C LEU A 121 -2.08 -12.94 7.85
N ASN A 122 -1.11 -12.48 8.63
CA ASN A 122 0.18 -13.15 8.63
C ASN A 122 0.00 -14.52 9.25
N GLU A 123 -0.78 -14.61 10.32
CA GLU A 123 -1.01 -15.90 10.95
C GLU A 123 -1.70 -16.82 9.95
N TYR A 124 -2.61 -16.25 9.15
CA TYR A 124 -3.32 -17.03 8.15
C TYR A 124 -2.36 -17.61 7.10
N ILE A 125 -1.47 -16.78 6.57
CA ILE A 125 -0.55 -17.26 5.55
C ILE A 125 0.59 -18.13 6.11
N GLN A 126 0.74 -18.18 7.43
CA GLN A 126 1.78 -19.02 8.03
C GLN A 126 1.20 -20.37 8.47
N THR A 127 -0.02 -20.36 9.00
CA THR A 127 -0.63 -21.58 9.51
C THR A 127 -1.97 -22.00 8.89
N GLY A 128 -2.61 -21.09 8.16
CA GLY A 128 -3.89 -21.40 7.55
C GLY A 128 -5.04 -21.26 8.51
N LYS A 129 -4.80 -20.60 9.64
CA LYS A 129 -5.84 -20.38 10.65
C LYS A 129 -6.52 -19.03 10.42
N GLY A 130 -7.85 -19.03 10.47
CA GLY A 130 -8.60 -17.80 10.28
C GLY A 130 -9.29 -17.66 8.93
N ASN A 131 -10.08 -16.60 8.80
CA ASN A 131 -10.82 -16.30 7.57
C ASN A 131 -10.34 -14.94 7.10
N PRO A 132 -9.52 -14.90 6.05
CA PRO A 132 -9.00 -13.64 5.52
C PRO A 132 -10.10 -12.59 5.29
N ARG A 133 -11.27 -13.04 4.85
CA ARG A 133 -12.39 -12.14 4.59
C ARG A 133 -12.70 -11.24 5.78
N GLU A 134 -12.45 -11.75 6.99
CA GLU A 134 -12.69 -11.02 8.22
C GLU A 134 -11.55 -10.07 8.61
N PHE A 135 -10.40 -10.22 7.98
CA PHE A 135 -9.26 -9.35 8.33
C PHE A 135 -9.00 -8.20 7.35
N LEU A 136 -9.75 -8.16 6.26
CA LEU A 136 -9.60 -7.11 5.26
C LEU A 136 -10.75 -6.11 5.38
N LYS A 137 -10.42 -4.84 5.62
CA LYS A 137 -11.47 -3.84 5.76
C LYS A 137 -12.14 -3.55 4.42
N LEU A 138 -13.43 -3.23 4.48
CA LEU A 138 -14.23 -3.00 3.27
C LEU A 138 -13.56 -2.45 2.02
N LEU A 139 -13.99 -3.01 0.91
CA LEU A 139 -13.51 -2.71 -0.43
C LEU A 139 -12.37 -3.69 -0.68
N TYR A 140 -11.65 -4.08 0.37
CA TYR A 140 -10.57 -5.04 0.19
C TYR A 140 -10.92 -6.52 0.28
N PRO A 141 -12.04 -6.89 0.94
CA PRO A 141 -12.37 -8.33 1.02
C PRO A 141 -13.00 -8.78 -0.31
N THR A 142 -12.23 -8.69 -1.39
CA THR A 142 -12.70 -9.06 -2.71
C THR A 142 -12.18 -10.43 -3.11
N ASP A 143 -12.81 -11.04 -4.12
CA ASP A 143 -12.37 -12.35 -4.59
C ASP A 143 -10.95 -12.24 -5.11
N GLU A 144 -10.67 -11.14 -5.80
CA GLU A 144 -9.35 -10.89 -6.39
C GLU A 144 -8.23 -10.89 -5.36
N ILE A 145 -8.40 -10.12 -4.29
CA ILE A 145 -7.39 -10.03 -3.24
C ILE A 145 -7.31 -11.30 -2.40
N ILE A 146 -8.45 -11.87 -2.04
CA ILE A 146 -8.46 -13.07 -1.24
C ILE A 146 -7.76 -14.20 -1.97
N ALA A 147 -7.88 -14.21 -3.30
CA ALA A 147 -7.22 -15.23 -4.10
C ALA A 147 -5.71 -15.12 -3.92
N ILE A 149 -4.15 -13.82 -1.21
CA ILE A 149 -3.83 -14.22 0.14
C ILE A 149 -3.76 -15.74 0.24
N GLU A 150 -4.64 -16.43 -0.48
CA GLU A 150 -4.63 -17.89 -0.47
C GLU A 150 -3.34 -18.42 -1.12
N TRP A 151 -2.93 -17.78 -2.21
CA TRP A 151 -1.70 -18.19 -2.86
C TRP A 151 -0.52 -18.03 -1.90
N LYS A 153 -0.53 -18.27 1.29
CA LYS A 153 -0.59 -19.37 2.24
C LYS A 153 -0.03 -20.64 1.56
N ASP A 154 -0.42 -20.86 0.31
CA ASP A 154 0.08 -22.03 -0.43
C ASP A 154 1.59 -21.98 -0.59
N TYR A 155 2.12 -20.81 -0.95
CA TYR A 155 3.57 -20.65 -1.13
C TYR A 155 4.28 -21.00 0.17
N ASN A 156 3.79 -20.46 1.28
CA ASN A 156 4.38 -20.72 2.60
C ASN A 156 4.19 -22.16 3.05
N ALA A 157 3.22 -22.84 2.47
CA ALA A 157 2.93 -24.23 2.84
C ALA A 157 3.90 -25.20 2.16
N ASP A 158 4.60 -24.73 1.14
CA ASP A 158 5.56 -25.59 0.43
C ASP A 158 6.82 -25.67 1.27
N PRO A 159 7.11 -26.84 1.87
CA PRO A 159 8.31 -27.00 2.71
C PRO A 159 9.61 -26.69 1.98
N SER A 160 9.57 -26.66 0.66
CA SER A 160 10.74 -26.36 -0.14
C SER A 160 11.12 -24.89 0.01
N ASN A 161 10.15 -24.07 0.39
CA ASN A 161 10.39 -22.63 0.58
C ASN A 161 10.75 -22.34 2.03
N LYS A 162 12.04 -22.26 2.32
CA LYS A 162 12.53 -22.00 3.67
C LYS A 162 12.33 -20.56 4.13
N LYS A 163 12.38 -19.63 3.18
CA LYS A 163 12.17 -18.21 3.50
C LYS A 163 10.71 -17.93 3.19
N LYS A 164 9.92 -17.76 4.25
CA LYS A 164 8.48 -17.52 4.12
C LYS A 164 8.08 -16.06 3.87
N ILE A 165 6.96 -15.87 3.18
CA ILE A 165 6.47 -14.53 2.92
C ILE A 165 5.92 -14.03 4.24
N GLN A 166 6.22 -12.78 4.58
CA GLN A 166 5.71 -12.18 5.80
C GLN A 166 4.66 -11.16 5.39
N PHE A 167 3.52 -11.18 6.08
CA PHE A 167 2.46 -10.23 5.79
C PHE A 167 2.54 -9.16 6.87
N ILE A 168 2.64 -7.90 6.46
CA ILE A 168 2.72 -6.79 7.40
C ILE A 168 1.60 -5.78 7.13
N GLY A 169 0.86 -5.42 8.18
CA GLY A 169 -0.20 -4.43 8.04
C GLY A 169 0.44 -3.09 8.41
N LEU A 170 0.65 -2.25 7.41
CA LEU A 170 1.30 -0.94 7.61
C LEU A 170 0.50 0.12 8.32
N ASP A 171 -0.81 0.11 8.11
CA ASP A 171 -1.70 1.13 8.63
C ASP A 171 -2.03 1.17 10.12
N LEU A 172 -2.54 2.34 10.52
CA LEU A 172 -2.90 2.62 11.89
C LEU A 172 -4.24 3.33 11.99
N LYS A 173 -5.24 2.86 11.25
CA LYS A 173 -6.55 3.49 11.32
C LYS A 173 -7.37 2.95 12.49
N ALA A 174 -6.81 1.97 13.17
CA ALA A 174 -7.44 1.33 14.33
C ALA A 174 -6.48 0.35 14.99
N LEU A 175 -6.66 0.11 16.28
CA LEU A 175 -5.85 -0.85 17.00
C LEU A 175 -6.82 -1.83 17.62
N ASP A 176 -6.81 -3.07 17.12
CA ASP A 176 -7.70 -4.11 17.60
C ASP A 176 -7.21 -4.71 18.91
N GLN A 177 -8.08 -5.45 19.58
CA GLN A 177 -7.75 -6.09 20.85
C GLN A 177 -6.60 -7.07 20.64
N GLY A 178 -6.56 -7.68 19.45
CA GLY A 178 -5.51 -8.62 19.13
C GLY A 178 -4.13 -8.00 19.25
N SER A 179 -4.02 -6.72 18.93
CA SER A 179 -2.74 -6.01 19.02
C SER A 179 -2.29 -5.87 20.47
N PHE A 180 -3.19 -5.40 21.34
CA PHE A 180 -2.84 -5.24 22.74
C PHE A 180 -2.49 -6.59 23.36
N ASN A 181 -3.24 -7.62 22.98
CA ASN A 181 -3.00 -8.98 23.48
C ASN A 181 -1.69 -9.55 22.98
N LYS A 182 -1.29 -9.17 21.77
CA LYS A 182 -0.03 -9.65 21.22
C LYS A 182 1.08 -9.25 22.19
N VAL A 183 1.03 -8.01 22.64
CA VAL A 183 2.02 -7.46 23.57
C VAL A 183 1.87 -8.06 24.96
N ILE A 184 0.65 -7.98 25.51
CA ILE A 184 0.36 -8.50 26.83
C ILE A 184 0.74 -9.97 26.99
N ASP A 185 0.35 -10.79 26.01
CA ASP A 185 0.65 -12.22 26.05
C ASP A 185 2.15 -12.45 26.16
N TYR A 186 2.92 -11.72 25.36
CA TYR A 186 4.36 -11.87 25.40
C TYR A 186 4.91 -11.54 26.78
N VAL A 187 4.47 -10.43 27.34
CA VAL A 187 4.92 -9.99 28.67
C VAL A 187 4.54 -11.00 29.75
N ARG A 188 3.32 -11.51 29.70
CA ARG A 188 2.85 -12.47 30.70
C ARG A 188 3.70 -13.74 30.70
N LEU A 189 4.20 -14.12 29.53
CA LEU A 189 4.99 -15.32 29.38
C LEU A 189 6.49 -15.13 29.60
N HIS A 190 7.04 -14.08 29.01
CA HIS A 190 8.47 -13.83 29.10
C HIS A 190 8.94 -12.77 30.08
N ARG A 191 8.15 -11.74 30.33
CA ARG A 191 8.55 -10.69 31.26
C ARG A 191 7.44 -10.48 32.31
N PRO A 192 7.19 -11.51 33.13
CA PRO A 192 6.16 -11.51 34.19
C PRO A 192 6.22 -10.38 35.22
N ASP A 193 7.40 -9.81 35.46
CA ASP A 193 7.53 -8.75 36.43
C ASP A 193 6.98 -7.41 35.95
N LEU A 194 6.68 -7.33 34.66
CA LEU A 194 6.17 -6.10 34.07
C LEU A 194 4.69 -6.18 33.71
N LEU A 195 4.13 -7.37 33.80
CA LEU A 195 2.72 -7.58 33.45
C LEU A 195 1.78 -6.57 34.09
N ALA A 196 1.92 -6.38 35.40
CA ALA A 196 1.08 -5.43 36.12
C ALA A 196 1.15 -4.05 35.49
N GLU A 197 2.37 -3.56 35.29
CA GLU A 197 2.57 -2.24 34.73
C GLU A 197 2.07 -2.12 33.29
N VAL A 198 2.34 -3.13 32.47
CA VAL A 198 1.90 -3.09 31.09
C VAL A 198 0.37 -3.06 30.97
N GLU A 199 -0.30 -3.96 31.68
CA GLU A 199 -1.76 -4.03 31.64
C GLU A 199 -2.38 -2.72 32.13
N GLU A 200 -1.76 -2.11 33.13
CA GLU A 200 -2.25 -0.86 33.67
C GLU A 200 -2.16 0.24 32.61
N ASN A 201 -1.03 0.28 31.90
CA ASN A 201 -0.85 1.31 30.88
C ASN A 201 -1.75 1.16 29.66
N TYR A 202 -2.21 -0.05 29.39
CA TYR A 202 -3.09 -0.31 28.22
C TYR A 202 -4.58 -0.43 28.50
N LYS A 203 -4.96 -0.66 29.75
CA LYS A 203 -6.38 -0.84 30.09
C LYS A 203 -7.37 0.16 29.52
N GLU A 204 -7.21 1.44 29.85
CA GLU A 204 -8.14 2.46 29.36
C GLU A 204 -7.95 2.74 27.88
N LEU A 205 -6.69 2.91 27.46
CA LEU A 205 -6.36 3.18 26.09
C LEU A 205 -7.04 2.21 25.11
N SER A 206 -6.93 0.92 25.40
CA SER A 206 -7.48 -0.13 24.55
C SER A 206 -8.99 -0.07 24.29
N SER A 207 -9.70 0.82 25.00
CA SER A 207 -11.14 0.95 24.79
C SER A 207 -11.49 2.07 23.81
N PHE A 208 -10.50 2.87 23.45
CA PHE A 208 -10.68 4.00 22.54
C PHE A 208 -9.95 3.93 21.21
N THR A 209 -9.36 2.79 20.88
CA THR A 209 -8.60 2.68 19.62
C THR A 209 -9.34 2.00 18.48
N GLY A 210 -10.64 1.79 18.65
CA GLY A 210 -11.45 1.14 17.62
C GLY A 210 -11.45 1.81 16.26
N SER A 211 -11.19 3.11 16.24
CA SER A 211 -11.15 3.89 15.00
C SER A 211 -10.57 5.26 15.31
N ILE A 212 -10.11 5.95 14.27
CA ILE A 212 -9.55 7.29 14.43
C ILE A 212 -10.60 8.23 14.99
N GLN A 213 -11.81 8.10 14.45
CA GLN A 213 -12.95 8.93 14.83
C GLN A 213 -13.24 8.92 16.33
N GLU A 214 -13.28 7.74 16.96
CA GLU A 214 -13.56 7.68 18.38
C GLU A 214 -12.38 8.11 19.23
N TYR A 215 -11.17 7.90 18.74
CA TYR A 215 -10.00 8.30 19.52
C TYR A 215 -9.87 9.82 19.52
N LYS A 217 -12.10 11.89 19.74
CA LYS A 217 -13.13 12.48 20.60
C LYS A 217 -12.62 12.67 22.03
N LEU A 218 -11.45 12.12 22.30
CA LEU A 218 -10.83 12.24 23.61
C LEU A 218 -10.35 13.66 23.83
N THR A 219 -10.30 14.08 25.09
CA THR A 219 -9.82 15.42 25.43
C THR A 219 -8.31 15.45 25.29
N PRO A 220 -7.72 16.65 25.20
CA PRO A 220 -6.26 16.75 25.07
C PRO A 220 -5.58 16.02 26.23
N LYS A 221 -6.16 16.15 27.42
CA LYS A 221 -5.61 15.53 28.61
C LYS A 221 -5.49 14.01 28.48
N LEU A 222 -6.55 13.35 28.03
CA LEU A 222 -6.50 11.89 27.90
C LEU A 222 -5.54 11.45 26.81
N LYS A 223 -5.43 12.25 25.75
CA LYS A 223 -4.54 11.94 24.65
C LYS A 223 -3.07 11.97 25.12
N GLU A 224 -2.70 13.03 25.84
CA GLU A 224 -1.33 13.16 26.36
C GLU A 224 -1.00 11.96 27.25
N LYS A 225 -1.95 11.64 28.11
CA LYS A 225 -1.84 10.53 29.05
C LYS A 225 -1.67 9.19 28.32
N PHE A 226 -2.52 8.92 27.34
CA PHE A 226 -2.43 7.66 26.60
C PHE A 226 -1.14 7.55 25.79
N LYS A 227 -0.66 8.66 25.24
CA LYS A 227 0.58 8.64 24.47
C LYS A 227 1.72 8.28 25.41
N ALA A 228 1.69 8.88 26.60
CA ALA A 228 2.71 8.62 27.63
C ALA A 228 2.70 7.15 28.02
N ASN A 229 1.51 6.62 28.27
CA ASN A 229 1.37 5.21 28.67
C ASN A 229 1.92 4.29 27.57
N ALA A 230 1.60 4.61 26.31
CA ALA A 230 2.04 3.80 25.18
C ALA A 230 3.54 3.85 25.00
N GLU A 231 4.11 5.04 25.16
CA GLU A 231 5.53 5.22 25.03
C GLU A 231 6.25 4.45 26.14
N ARG A 232 5.62 4.43 27.32
CA ARG A 232 6.16 3.73 28.49
C ARG A 232 6.34 2.24 28.22
N VAL A 233 5.30 1.60 27.71
CA VAL A 233 5.37 0.18 27.41
C VAL A 233 6.35 -0.14 26.29
N ALA A 234 6.41 0.70 25.26
CA ALA A 234 7.34 0.47 24.16
C ALA A 234 8.77 0.50 24.70
N ARG A 235 9.02 1.45 25.60
CA ARG A 235 10.36 1.57 26.21
C ARG A 235 10.71 0.29 26.94
N LEU A 236 9.76 -0.20 27.73
CA LEU A 236 9.93 -1.41 28.52
C LEU A 236 10.27 -2.64 27.68
N LEU A 237 9.90 -2.60 26.41
CA LEU A 237 10.16 -3.73 25.53
C LEU A 237 11.21 -3.48 24.46
N LYS A 238 11.92 -2.36 24.56
CA LYS A 238 12.92 -2.04 23.55
C LYS A 238 14.16 -2.91 23.71
N ASP A 239 14.28 -3.54 24.88
CA ASP A 239 15.43 -4.38 25.19
C ASP A 239 16.62 -3.44 25.20
N GLU A 240 16.55 -2.51 26.14
CA GLU A 240 17.56 -1.49 26.33
C GLU A 240 17.71 -1.24 27.83
N GLU A 252 8.64 -14.39 18.76
CA GLU A 252 7.54 -13.81 19.52
C GLU A 252 7.86 -12.38 19.94
N TYR A 253 9.06 -12.17 20.45
CA TYR A 253 9.51 -10.86 20.91
C TYR A 253 9.48 -9.79 19.82
N ILE A 254 9.98 -10.14 18.63
CA ILE A 254 10.02 -9.19 17.52
C ILE A 254 8.65 -8.56 17.26
N TRP A 255 7.63 -9.39 17.14
CA TRP A 255 6.31 -8.87 16.86
C TRP A 255 5.67 -8.16 18.04
N ALA A 256 6.03 -8.55 19.26
CA ALA A 256 5.47 -7.89 20.44
C ALA A 256 6.05 -6.47 20.51
N LYS A 257 7.36 -6.35 20.33
CA LYS A 257 8.01 -5.05 20.35
C LYS A 257 7.44 -4.15 19.25
N ALA A 258 7.29 -4.72 18.06
CA ALA A 258 6.77 -3.98 16.91
C ALA A 258 5.35 -3.48 17.14
N THR A 259 4.53 -4.34 17.75
CA THR A 259 3.16 -3.97 18.04
C THR A 259 3.11 -2.87 19.09
N ALA A 260 3.94 -2.97 20.13
CA ALA A 260 3.97 -1.93 21.16
C ALA A 260 4.34 -0.60 20.51
N SER A 261 5.24 -0.66 19.54
CA SER A 261 5.65 0.53 18.82
C SER A 261 4.51 1.05 17.94
N ALA A 262 3.70 0.16 17.40
CA ALA A 262 2.58 0.58 16.55
C ALA A 262 1.54 1.30 17.41
N ILE A 263 1.41 0.84 18.65
CA ILE A 263 0.47 1.45 19.57
C ILE A 263 0.98 2.85 19.94
N GLU A 264 2.29 3.00 20.13
CA GLU A 264 2.87 4.31 20.44
C GLU A 264 2.64 5.22 19.24
N LYS A 265 2.93 4.71 18.05
CA LYS A 265 2.75 5.50 16.83
C LYS A 265 1.31 6.01 16.71
N PHE A 266 0.34 5.13 16.96
CA PHE A 266 -1.06 5.51 16.88
C PHE A 266 -1.41 6.68 17.83
N THR A 267 -0.96 6.60 19.07
CA THR A 267 -1.23 7.65 20.06
C THR A 267 -0.45 8.93 19.78
N THR A 268 0.65 8.82 19.05
CA THR A 268 1.48 9.98 18.72
C THR A 268 0.90 10.70 17.50
N LEU A 270 -2.20 10.83 16.52
CA LEU A 270 -3.45 11.49 16.83
C LEU A 270 -3.40 12.46 17.99
N LEU A 271 -2.20 12.85 18.38
CA LEU A 271 -2.03 13.81 19.47
C LEU A 271 -2.42 15.21 18.96
N PRO A 272 -1.92 15.61 17.78
CA PRO A 272 -2.27 16.92 17.26
C PRO A 272 -3.78 17.07 17.06
N ASN A 273 -4.23 18.30 16.83
CA ASN A 273 -5.65 18.54 16.63
C ASN A 273 -5.93 19.12 15.24
N ASP A 274 -4.89 19.27 14.43
CA ASP A 274 -5.05 19.80 13.08
C ASP A 274 -5.17 18.68 12.06
N TYR A 275 -4.86 18.95 10.80
CA TYR A 275 -4.96 17.93 9.75
C TYR A 275 -3.64 17.60 9.07
N PRO A 276 -2.90 18.62 8.60
CA PRO A 276 -1.62 18.38 7.93
C PRO A 276 -0.59 17.64 8.77
N SER A 277 -0.52 17.95 10.06
CA SER A 277 0.43 17.29 10.95
C SER A 277 0.09 15.82 11.18
N ILE A 278 -1.20 15.50 11.23
CA ILE A 278 -1.59 14.11 11.44
C ILE A 278 -1.30 13.31 10.19
N ILE A 279 -1.66 13.87 9.03
CA ILE A 279 -1.42 13.21 7.76
C ILE A 279 0.06 12.94 7.59
N LYS A 280 0.89 13.92 7.96
CA LYS A 280 2.34 13.73 7.82
C LYS A 280 2.81 12.58 8.70
N LEU A 281 2.35 12.53 9.94
CA LEU A 281 2.76 11.45 10.85
C LEU A 281 2.25 10.11 10.31
N HIS A 282 1.01 10.08 9.84
CA HIS A 282 0.46 8.85 9.31
C HIS A 282 1.33 8.29 8.17
N GLU A 283 1.72 9.14 7.23
CA GLU A 283 2.54 8.70 6.10
C GLU A 283 3.93 8.29 6.57
N GLN A 284 4.45 9.03 7.54
CA GLN A 284 5.75 8.77 8.12
C GLN A 284 5.75 7.32 8.66
N TYR A 285 4.72 6.99 9.42
CA TYR A 285 4.61 5.66 10.00
C TYR A 285 4.39 4.55 8.98
N LEU A 286 3.71 4.84 7.88
CA LEU A 286 3.54 3.81 6.85
C LEU A 286 4.95 3.43 6.38
N ALA A 287 5.75 4.45 6.10
CA ALA A 287 7.12 4.26 5.64
C ALA A 287 7.96 3.53 6.69
N ASP A 288 7.83 3.96 7.95
CA ASP A 288 8.58 3.32 9.02
C ASP A 288 8.27 1.83 9.08
N HIS A 289 7.00 1.48 9.00
CA HIS A 289 6.63 0.08 9.06
C HIS A 289 7.20 -0.71 7.89
N ALA A 290 7.18 -0.13 6.70
CA ALA A 290 7.72 -0.82 5.53
C ALA A 290 9.22 -1.11 5.71
N TRP A 292 10.75 -1.19 8.61
CA TRP A 292 10.95 -2.06 9.75
C TRP A 292 10.91 -3.51 9.26
N ALA A 293 10.01 -3.78 8.32
CA ALA A 293 9.87 -5.13 7.79
C ALA A 293 11.15 -5.58 7.09
N GLN A 294 11.72 -4.68 6.29
CA GLN A 294 12.93 -5.00 5.54
C GLN A 294 14.12 -5.24 6.46
N GLU A 295 14.31 -4.34 7.43
CA GLU A 295 15.44 -4.47 8.33
C GLU A 295 15.33 -5.64 9.31
N THR A 296 14.11 -6.06 9.58
CA THR A 296 13.88 -7.16 10.52
C THR A 296 13.93 -8.54 9.89
N PHE A 297 13.30 -8.68 8.74
CA PHE A 297 13.22 -9.99 8.08
C PHE A 297 14.16 -10.17 6.89
N GLY A 298 14.72 -9.08 6.38
CA GLY A 298 15.63 -9.18 5.25
C GLY A 298 14.90 -9.52 3.98
N GLY A 299 15.62 -10.03 2.98
CA GLY A 299 14.99 -10.35 1.72
C GLY A 299 14.70 -9.07 0.97
N LYS A 300 13.49 -8.95 0.43
CA LYS A 300 13.10 -7.75 -0.29
C LYS A 300 11.65 -7.42 0.08
N THR A 301 11.30 -6.14 -0.01
CA THR A 301 9.98 -5.68 0.37
C THR A 301 9.09 -5.05 -0.68
N VAL A 303 5.51 -2.95 -1.27
CA VAL A 303 4.55 -2.08 -0.60
C VAL A 303 3.32 -1.97 -1.49
N TRP A 304 2.22 -2.56 -1.02
CA TRP A 304 0.96 -2.55 -1.75
C TRP A 304 0.09 -1.46 -1.16
N ALA A 305 -0.27 -0.47 -1.97
CA ALA A 305 -1.09 0.63 -1.47
C ALA A 305 -1.65 1.39 -2.65
N HIS A 306 -2.44 2.42 -2.38
CA HIS A 306 -2.99 3.23 -3.45
C HIS A 306 -1.85 4.01 -4.11
N ASN A 307 -2.04 4.42 -5.35
CA ASN A 307 -1.04 5.22 -6.06
C ASN A 307 -0.60 6.38 -5.18
N ILE A 308 -1.58 7.02 -4.54
CA ILE A 308 -1.30 8.16 -3.68
C ILE A 308 -0.19 7.94 -2.65
N HIS A 309 -0.23 6.79 -1.98
CA HIS A 309 0.75 6.49 -0.94
C HIS A 309 2.11 6.00 -1.41
N ILE A 310 2.18 5.33 -2.55
CA ILE A 310 3.47 4.85 -3.04
C ILE A 310 4.23 5.85 -3.90
N ALA A 311 3.53 6.88 -4.39
CA ALA A 311 4.14 7.90 -5.26
C ALA A 311 5.32 8.65 -4.66
N LYS A 312 6.23 9.06 -5.54
CA LYS A 312 7.42 9.79 -5.12
C LYS A 312 7.05 11.21 -4.71
N GLY A 313 5.95 11.73 -5.25
CA GLY A 313 5.54 13.08 -4.93
C GLY A 313 4.09 13.25 -4.50
N ILE A 314 3.58 14.46 -4.66
CA ILE A 314 2.20 14.79 -4.28
C ILE A 314 1.24 14.90 -5.44
N ILE A 315 0.18 14.10 -5.39
CA ILE A 315 -0.84 14.12 -6.43
C ILE A 315 -2.03 14.96 -5.95
N ASP A 316 -2.53 14.63 -4.77
CA ASP A 316 -3.66 15.33 -4.16
C ASP A 316 -3.09 16.15 -3.00
N GLU A 317 -2.73 17.40 -3.28
CA GLU A 317 -2.12 18.23 -2.25
C GLU A 317 -3.02 18.59 -1.07
N LYS A 318 -4.33 18.68 -1.28
CA LYS A 318 -5.23 19.04 -0.20
C LYS A 318 -5.55 17.90 0.76
N LEU A 319 -5.66 16.67 0.25
CA LEU A 319 -5.96 15.53 1.10
C LEU A 319 -4.68 14.85 1.60
N TYR A 320 -3.67 14.82 0.75
CA TYR A 320 -2.40 14.20 1.13
C TYR A 320 -1.21 15.07 0.77
N PRO A 321 -0.92 16.11 1.59
CA PRO A 321 0.20 17.02 1.36
C PRO A 321 1.53 16.31 1.61
N TYR A 322 1.47 15.16 2.27
CA TYR A 322 2.64 14.34 2.54
C TYR A 322 2.21 12.91 2.25
N VAL A 323 3.12 12.10 1.72
CA VAL A 323 2.80 10.70 1.45
C VAL A 323 3.99 9.81 1.77
N ALA A 324 3.69 8.58 2.16
CA ALA A 324 4.71 7.59 2.52
C ALA A 324 5.78 7.47 1.44
N GLY A 325 5.34 7.40 0.19
CA GLY A 325 6.24 7.28 -0.94
C GLY A 325 7.37 8.29 -1.02
N GLN A 326 7.12 9.54 -0.65
CA GLN A 326 8.19 10.53 -0.73
C GLN A 326 9.21 10.31 0.39
N PHE A 327 8.76 9.81 1.53
CA PHE A 327 9.67 9.54 2.63
C PHE A 327 10.55 8.33 2.33
N LEU A 328 9.98 7.36 1.60
CA LEU A 328 10.74 6.17 1.22
C LEU A 328 11.77 6.56 0.16
N LYS A 329 11.38 7.44 -0.76
CA LYS A 329 12.30 7.87 -1.81
C LYS A 329 13.47 8.65 -1.20
N GLU A 330 13.16 9.51 -0.22
CA GLU A 330 14.18 10.32 0.45
C GLU A 330 15.19 9.47 1.21
N ARG A 331 14.66 8.56 2.03
CA ARG A 331 15.49 7.68 2.84
C ARG A 331 16.20 6.60 2.05
N LEU A 332 15.56 6.10 1.00
CA LEU A 332 16.12 5.00 0.22
C LEU A 332 16.74 5.34 -1.13
N ASP A 333 16.40 6.49 -1.70
CA ASP A 333 16.93 6.89 -2.99
C ASP A 333 16.65 5.83 -4.06
N ASN A 334 17.69 5.29 -4.70
CA ASN A 334 17.47 4.29 -5.74
C ASN A 334 17.12 2.89 -5.27
N ASN A 335 17.04 2.69 -3.95
CA ASN A 335 16.70 1.37 -3.43
C ASN A 335 15.19 1.21 -3.29
N TYR A 336 14.45 2.24 -3.70
CA TYR A 336 12.99 2.20 -3.69
C TYR A 336 12.49 2.52 -5.10
N VAL A 337 11.88 1.53 -5.74
CA VAL A 337 11.33 1.71 -7.08
C VAL A 337 9.82 1.79 -6.98
N THR A 338 9.23 2.74 -7.70
CA THR A 338 7.78 2.93 -7.69
C THR A 338 7.11 2.53 -8.99
N ILE A 339 6.09 1.70 -8.88
CA ILE A 339 5.33 1.24 -10.03
C ILE A 339 3.88 1.68 -9.85
N GLY A 340 3.50 2.73 -10.57
CA GLY A 340 2.14 3.25 -10.48
C GLY A 340 1.15 2.49 -11.35
N SER A 341 -0.12 2.61 -11.01
CA SER A 341 -1.20 1.94 -11.75
C SER A 341 -2.02 2.95 -12.53
N THR A 342 -2.24 2.67 -13.81
CA THR A 342 -3.04 3.56 -14.65
C THR A 342 -4.09 2.78 -15.44
N THR A 343 -5.25 3.40 -15.61
CA THR A 343 -6.33 2.80 -16.38
C THR A 343 -7.02 3.92 -17.13
N THR A 344 -7.70 3.58 -18.22
CA THR A 344 -8.37 4.60 -19.02
C THR A 344 -9.86 4.75 -18.81
N GLU A 345 -10.60 3.66 -18.91
CA GLU A 345 -12.06 3.70 -18.78
C GLU A 345 -12.64 2.46 -18.11
N GLY A 346 -13.90 2.58 -17.70
CA GLY A 346 -14.57 1.45 -17.08
C GLY A 346 -15.30 1.84 -15.80
N ASN A 347 -15.87 0.84 -15.15
CA ASN A 347 -16.60 1.04 -13.90
C ASN A 347 -15.76 0.49 -12.75
N PHE A 348 -15.98 1.00 -11.55
CA PHE A 348 -15.22 0.54 -10.41
C PHE A 348 -16.09 0.49 -9.16
N THR A 349 -15.62 -0.25 -8.17
CA THR A 349 -16.31 -0.40 -6.89
C THR A 349 -15.88 0.74 -5.99
N LEU A 350 -16.83 1.32 -5.25
CA LEU A 350 -16.52 2.40 -4.32
C LEU A 350 -17.63 2.52 -3.28
N TYR A 351 -17.50 3.48 -2.37
CA TYR A 351 -18.51 3.69 -1.34
C TYR A 351 -19.69 4.56 -1.74
N SER A 352 -19.53 5.88 -1.61
CA SER A 352 -20.60 6.80 -1.96
C SER A 352 -20.13 7.88 -2.95
N GLU A 353 -21.10 8.58 -3.53
CA GLU A 353 -20.83 9.63 -4.52
C GLU A 353 -20.53 11.00 -3.91
N TYR A 354 -20.80 12.05 -4.68
CA TYR A 354 -20.55 13.42 -4.23
C TYR A 354 -21.85 14.20 -4.15
N GLY A 360 -21.42 4.23 4.81
CA GLY A 360 -22.29 4.01 3.67
C GLY A 360 -22.21 2.58 3.16
N LYS A 361 -22.77 2.35 1.97
CA LYS A 361 -22.76 1.00 1.40
C LYS A 361 -21.92 0.98 0.13
N ILE A 362 -21.48 -0.23 -0.26
CA ILE A 362 -20.66 -0.38 -1.45
C ILE A 362 -21.50 -0.35 -2.72
N THR A 363 -21.06 0.44 -3.70
CA THR A 363 -21.77 0.56 -4.97
C THR A 363 -20.75 0.63 -6.12
N THR A 364 -21.20 1.08 -7.29
CA THR A 364 -20.34 1.18 -8.45
C THR A 364 -20.49 2.53 -9.18
N ASP A 365 -19.41 3.00 -9.78
CA ASP A 365 -19.45 4.26 -10.52
C ASP A 365 -18.59 4.14 -11.78
N THR A 366 -18.60 5.17 -12.61
CA THR A 366 -17.85 5.15 -13.86
C THR A 366 -16.71 6.15 -13.89
N ILE A 367 -15.59 5.73 -14.46
CA ILE A 367 -14.41 6.58 -14.56
C ILE A 367 -14.65 7.80 -15.46
N PRO A 368 -14.55 9.01 -14.89
CA PRO A 368 -14.76 10.23 -15.68
C PRO A 368 -13.67 10.36 -16.75
N GLN A 369 -14.07 10.87 -17.91
CA GLN A 369 -13.15 11.06 -19.03
C GLN A 369 -12.51 12.45 -19.04
N ASP A 370 -11.26 12.50 -19.46
CA ASP A 370 -10.49 13.74 -19.59
C ASP A 370 -9.49 13.52 -20.73
N VAL A 371 -9.78 14.10 -21.89
CA VAL A 371 -8.92 13.93 -23.06
C VAL A 371 -7.51 14.50 -22.94
N LYS A 372 -7.24 15.21 -21.85
CA LYS A 372 -5.94 15.81 -21.64
C LYS A 372 -5.05 14.98 -20.70
N SER A 373 -5.66 14.07 -19.95
CA SER A 373 -4.94 13.24 -18.97
C SER A 373 -3.94 12.23 -19.55
N PHE A 374 -2.98 11.84 -18.72
CA PHE A 374 -2.00 10.84 -19.13
C PHE A 374 -2.78 9.57 -19.45
N ASN A 375 -3.84 9.34 -18.67
CA ASN A 375 -4.68 8.16 -18.80
C ASN A 375 -5.33 7.96 -20.17
N TYR A 376 -5.89 9.02 -20.73
CA TYR A 376 -6.51 8.86 -22.03
C TYR A 376 -5.49 8.71 -23.15
N THR A 377 -4.32 9.31 -22.97
CA THR A 377 -3.27 9.19 -23.98
C THR A 377 -2.76 7.76 -23.96
N LEU A 378 -2.66 7.19 -22.76
CA LEU A 378 -2.19 5.81 -22.61
C LEU A 378 -3.19 4.86 -23.26
N GLY A 379 -4.47 5.23 -23.22
CA GLY A 379 -5.50 4.40 -23.81
C GLY A 379 -5.42 4.34 -25.32
N LYS A 380 -4.75 5.33 -25.91
CA LYS A 380 -4.58 5.42 -27.36
C LYS A 380 -3.53 4.43 -27.86
N VAL A 381 -2.57 4.10 -27.00
CA VAL A 381 -1.52 3.16 -27.35
C VAL A 381 -2.15 1.84 -27.75
N PRO A 382 -1.73 1.27 -28.89
CA PRO A 382 -2.29 0.00 -29.35
C PRO A 382 -1.98 -1.27 -28.57
N TYR A 383 -1.93 -1.15 -27.25
CA TYR A 383 -1.72 -2.30 -26.37
C TYR A 383 -2.79 -2.19 -25.30
N LYS A 384 -3.52 -3.27 -25.05
CA LYS A 384 -4.56 -3.25 -24.03
C LYS A 384 -3.95 -3.13 -22.64
N PHE A 386 0.17 -2.77 -20.67
CA PHE A 386 1.60 -2.67 -20.87
C PHE A 386 2.34 -2.01 -19.71
N LEU A 387 3.66 -2.23 -19.68
CA LEU A 387 4.52 -1.64 -18.68
C LEU A 387 5.25 -0.53 -19.39
N LEU A 388 5.54 0.54 -18.65
CA LEU A 388 6.25 1.66 -19.22
C LEU A 388 7.25 2.17 -18.18
N ASP A 389 8.54 2.13 -18.51
CA ASP A 389 9.59 2.61 -17.59
C ASP A 389 9.78 4.09 -17.92
N ASN A 390 9.19 4.96 -17.11
CA ASN A 390 9.28 6.40 -17.38
C ASN A 390 10.67 6.99 -17.22
N ARG A 391 11.52 6.32 -16.45
CA ARG A 391 12.87 6.81 -16.19
C ARG A 391 13.82 6.79 -17.39
N HIS A 392 13.64 5.85 -18.30
CA HIS A 392 14.53 5.73 -19.44
C HIS A 392 13.93 6.06 -20.81
N LEU A 393 12.76 6.69 -20.80
CA LEU A 393 12.10 7.07 -22.05
C LEU A 393 12.92 8.13 -22.76
N LYS A 394 12.79 8.18 -24.09
CA LYS A 394 13.46 9.16 -24.93
C LYS A 394 12.41 9.69 -25.93
N GLY A 395 12.80 10.67 -26.74
CA GLY A 395 11.87 11.20 -27.71
C GLY A 395 10.68 11.94 -27.13
N GLN A 396 9.54 11.86 -27.82
CA GLN A 396 8.34 12.54 -27.40
C GLN A 396 7.73 11.94 -26.13
N ALA A 397 7.85 10.63 -25.97
CA ALA A 397 7.31 9.97 -24.78
C ALA A 397 7.96 10.53 -23.53
N GLU A 398 9.26 10.81 -23.63
CA GLU A 398 10.02 11.35 -22.52
C GLU A 398 9.56 12.75 -22.13
N LYS A 399 9.38 13.59 -23.14
CA LYS A 399 8.93 14.96 -22.90
C LYS A 399 7.53 14.91 -22.30
N TRP A 400 6.77 13.91 -22.72
CA TRP A 400 5.40 13.71 -22.27
C TRP A 400 5.27 13.38 -20.78
N VAL A 401 6.02 12.39 -20.29
CA VAL A 401 5.94 12.01 -18.88
C VAL A 401 6.46 13.08 -17.92
N LYS A 402 7.35 13.93 -18.43
CA LYS A 402 7.94 15.01 -17.62
C LYS A 402 7.07 16.27 -17.61
N ALA A 403 6.09 16.32 -18.50
CA ALA A 403 5.19 17.47 -18.59
C ALA A 403 4.06 17.33 -17.58
N LYS A 404 3.38 18.44 -17.30
CA LYS A 404 2.28 18.41 -16.35
C LYS A 404 0.95 18.24 -17.09
N ARG A 405 0.21 17.20 -16.70
CA ARG A 405 -1.08 16.91 -17.32
C ARG A 405 -1.98 16.28 -16.26
N PRO A 406 -3.29 16.23 -16.51
CA PRO A 406 -4.20 15.64 -15.54
C PRO A 406 -3.89 14.17 -15.32
N LEU A 407 -3.92 13.74 -14.06
CA LEU A 407 -3.66 12.34 -13.71
C LEU A 407 -4.86 11.87 -12.90
N LEU A 408 -5.44 10.74 -13.32
CA LEU A 408 -6.59 10.18 -12.64
C LEU A 408 -6.19 9.61 -11.29
N SER A 409 -7.04 9.77 -10.30
CA SER A 409 -6.79 9.23 -8.96
C SER A 409 -8.13 9.17 -8.23
N ILE A 410 -8.58 7.95 -7.96
CA ILE A 410 -9.87 7.73 -7.30
C ILE A 410 -9.69 6.94 -6.01
N GLY A 411 -10.21 7.49 -4.92
CA GLY A 411 -10.11 6.83 -3.63
C GLY A 411 -11.28 5.90 -3.36
N GLY A 412 -11.51 5.61 -2.09
CA GLY A 412 -12.60 4.73 -1.73
C GLY A 412 -13.93 5.45 -1.73
N GLN A 413 -13.87 6.78 -1.87
CA GLN A 413 -15.07 7.62 -1.89
C GLN A 413 -14.91 8.79 -2.86
N ILE A 414 -16.03 9.32 -3.30
CA ILE A 414 -16.07 10.46 -4.21
C ILE A 414 -17.15 11.46 -3.76
N VAL A 420 -11.50 14.04 -9.52
CA VAL A 420 -10.69 12.82 -9.56
C VAL A 420 -9.48 12.92 -10.50
N TYR A 421 -9.25 14.11 -11.04
CA TYR A 421 -8.11 14.35 -11.92
C TYR A 421 -7.22 15.39 -11.26
N PHE A 422 -5.91 15.16 -11.31
CA PHE A 422 -4.95 16.05 -10.69
C PHE A 422 -3.78 16.41 -11.59
N ASP A 423 -3.49 17.70 -11.68
CA ASP A 423 -2.40 18.18 -12.52
C ASP A 423 -1.04 17.88 -11.90
N THR A 424 -0.24 17.11 -12.62
CA THR A 424 1.08 16.72 -12.15
C THR A 424 1.86 16.04 -13.28
N SER A 425 3.09 15.62 -12.97
CA SER A 425 3.94 14.94 -13.93
C SER A 425 3.95 13.46 -13.61
N LEU A 426 3.85 12.62 -14.64
CA LEU A 426 3.83 11.18 -14.41
C LEU A 426 5.16 10.65 -13.86
N LEU A 427 6.28 11.05 -14.46
CA LEU A 427 7.59 10.61 -14.00
C LEU A 427 7.86 11.12 -12.58
N GLU A 428 7.32 12.29 -12.27
CA GLU A 428 7.46 12.91 -10.95
C GLU A 428 6.92 11.98 -9.87
N GLN A 429 5.85 11.26 -10.23
CA GLN A 429 5.20 10.36 -9.31
C GLN A 429 5.64 8.89 -9.39
N PHE A 430 5.81 8.40 -10.61
CA PHE A 430 6.16 7.00 -10.80
C PHE A 430 7.36 6.70 -11.70
N ASP A 431 8.21 5.77 -11.28
CA ASP A 431 9.37 5.39 -12.08
C ASP A 431 8.84 4.55 -13.24
N ILE A 432 7.88 3.68 -12.90
CA ILE A 432 7.27 2.73 -13.82
C ILE A 432 5.76 2.73 -13.64
N ILE A 433 5.05 2.38 -14.69
CA ILE A 433 3.60 2.27 -14.59
C ILE A 433 3.15 1.03 -15.34
N PHE A 434 2.04 0.45 -14.91
CA PHE A 434 1.45 -0.67 -15.63
C PHE A 434 0.07 -0.17 -15.97
N HIS A 435 -0.19 -0.11 -17.27
CA HIS A 435 -1.47 0.38 -17.76
C HIS A 435 -2.41 -0.74 -18.16
N ILE A 436 -3.67 -0.58 -17.79
CA ILE A 436 -4.74 -1.52 -18.16
C ILE A 436 -5.83 -0.61 -18.72
N ARG A 437 -5.93 -0.54 -20.04
CA ARG A 437 -6.90 0.34 -20.68
C ARG A 437 -8.32 0.24 -20.10
N LYS A 438 -8.93 -0.92 -20.23
CA LYS A 438 -10.28 -1.10 -19.72
C LYS A 438 -10.33 -1.91 -18.43
N THR A 439 -11.04 -1.39 -17.44
CA THR A 439 -11.18 -2.07 -16.17
C THR A 439 -12.65 -2.17 -15.76
N SER A 440 -12.93 -3.06 -14.80
CA SER A 440 -14.29 -3.27 -14.33
C SER A 440 -14.30 -3.39 -12.80
N PRO A 441 -15.50 -3.39 -12.19
CA PRO A 441 -15.61 -3.50 -10.72
C PRO A 441 -15.08 -4.77 -10.07
N SER A 442 -14.42 -4.58 -8.93
CA SER A 442 -13.90 -5.68 -8.14
C SER A 442 -15.12 -6.45 -7.60
N HIS A 443 -14.92 -7.69 -7.19
CA HIS A 443 -16.02 -8.50 -6.67
C HIS A 443 -15.91 -8.74 -5.16
N ILE A 444 -16.71 -8.02 -4.38
CA ILE A 444 -16.69 -8.18 -2.92
C ILE A 444 -17.22 -9.57 -2.54
N LYS A 445 -16.34 -10.37 -1.96
CA LYS A 445 -16.70 -11.74 -1.54
C LYS A 445 -17.74 -11.72 -0.43
#